data_4INP
#
_entry.id   4INP
#
_cell.length_a   60.180
_cell.length_b   76.950
_cell.length_c   72.780
_cell.angle_alpha   90.00
_cell.angle_beta   94.52
_cell.angle_gamma   90.00
#
_symmetry.space_group_name_H-M   'P 1 21 1'
#
loop_
_entity.id
_entity.type
_entity.pdbx_description
1 polymer 'Iron (III) ABC transporter, periplasmic iron-binding protein'
2 non-polymer 'NICKEL (II) ION'
3 non-polymer 'ACETATE ION'
4 water water
#
_entity_poly.entity_id   1
_entity_poly.type   'polypeptide(L)'
_entity_poly.pdbx_seq_one_letter_code
;QEVKVKDYFGEQTIKLPVSKIIYLGSFAEVPAMFHTWDRVVGISDYAFKSDIVKATLKDPERIKPMSSDHAAALNVELLK
KLSPDLVVTFVGNPKAVEHAKKFGISFLSFQEKTIAEVMEDIDTQAKALEVDASKKLAKMQETLDFIAERLKGVKKKKGV
ELFHKANKISGHQALDSDILEKGGIDNFGLKYVKFGRADISVEKIVKENPEIIFIWWISPLSPEDVLNNPKFATIKAIKN
KQVYKLPTMDIGGPRAPLISLFIALKAHPEAFKGVDINAIVKDYYKVVFDLNDAEVEPFLWHKGELNSKLEGKPIPNPLL
GLDSTRTGHHHHHH
;
_entity_poly.pdbx_strand_id   A,B
#
loop_
_chem_comp.id
_chem_comp.type
_chem_comp.name
_chem_comp.formula
ACT non-polymer 'ACETATE ION' 'C2 H3 O2 -1'
NI non-polymer 'NICKEL (II) ION' 'Ni 2'
#
# COMPACT_ATOMS: atom_id res chain seq x y z
N GLU A 2 -17.88 -16.26 3.51
CA GLU A 2 -17.31 -14.83 3.58
C GLU A 2 -15.85 -14.62 3.14
N VAL A 3 -15.51 -13.38 2.73
CA VAL A 3 -14.13 -12.84 2.57
C VAL A 3 -13.99 -11.47 3.28
N LYS A 4 -12.80 -11.25 3.83
CA LYS A 4 -12.38 -10.02 4.51
C LYS A 4 -11.59 -9.29 3.48
N VAL A 5 -11.99 -8.06 3.19
CA VAL A 5 -11.26 -7.12 2.35
C VAL A 5 -11.23 -5.72 3.01
N LYS A 6 -10.30 -4.89 2.54
CA LYS A 6 -10.13 -3.55 3.11
C LYS A 6 -10.58 -2.50 2.11
N ASP A 7 -11.17 -1.43 2.60
CA ASP A 7 -11.53 -0.30 1.74
C ASP A 7 -11.19 1.07 2.38
N TYR A 8 -11.81 2.15 1.91
CA TYR A 8 -11.72 3.45 2.60
C TYR A 8 -11.90 3.42 4.12
N PHE A 9 -12.89 2.69 4.62
CA PHE A 9 -13.25 2.74 6.05
C PHE A 9 -12.53 1.76 6.96
N GLY A 10 -11.99 0.69 6.38
CA GLY A 10 -11.24 -0.35 7.13
C GLY A 10 -11.57 -1.72 6.56
N GLU A 11 -11.51 -2.74 7.42
CA GLU A 11 -11.88 -4.11 7.07
C GLU A 11 -13.40 -4.36 7.06
N GLN A 12 -13.90 -4.91 5.95
CA GLN A 12 -15.33 -5.26 5.76
C GLN A 12 -15.38 -6.78 5.57
N THR A 13 -16.41 -7.43 6.08
CA THR A 13 -16.56 -8.85 5.77
C THR A 13 -17.72 -9.01 4.78
N ILE A 14 -17.44 -9.73 3.70
CA ILE A 14 -18.49 -9.87 2.70
C ILE A 14 -19.01 -11.29 2.66
N LYS A 15 -20.31 -11.42 2.81
CA LYS A 15 -20.94 -12.73 2.78
C LYS A 15 -21.07 -13.15 1.29
N LEU A 16 -20.57 -14.32 0.98
CA LEU A 16 -20.52 -14.87 -0.35
C LEU A 16 -21.60 -15.94 -0.47
N PRO A 17 -22.19 -16.09 -1.68
CA PRO A 17 -21.82 -15.26 -2.84
C PRO A 17 -22.65 -14.01 -2.93
N VAL A 18 -22.20 -13.05 -3.74
CA VAL A 18 -22.86 -11.78 -3.92
C VAL A 18 -23.85 -11.92 -5.06
N SER A 19 -25.07 -11.41 -4.90
CA SER A 19 -26.12 -11.57 -5.90
C SER A 19 -26.51 -10.29 -6.60
N LYS A 20 -26.66 -9.23 -5.84
CA LYS A 20 -27.17 -7.97 -6.35
C LYS A 20 -26.23 -6.84 -5.98
N ILE A 21 -25.71 -6.14 -7.00
CA ILE A 21 -24.76 -5.04 -6.73
C ILE A 21 -25.27 -3.75 -7.33
N ILE A 22 -24.98 -2.67 -6.61
CA ILE A 22 -25.21 -1.32 -7.09
C ILE A 22 -23.83 -0.63 -7.20
N TYR A 23 -23.56 0.01 -8.34
CA TYR A 23 -22.34 0.81 -8.51
C TYR A 23 -22.69 2.31 -8.50
N LEU A 24 -22.14 3.06 -7.53
CA LEU A 24 -22.36 4.49 -7.39
C LEU A 24 -21.11 5.36 -7.54
N GLY A 25 -21.11 6.24 -8.51
CA GLY A 25 -20.11 7.30 -8.55
C GLY A 25 -18.81 6.89 -9.22
N SER A 26 -18.53 5.58 -9.29
CA SER A 26 -17.27 5.15 -9.87
C SER A 26 -17.32 3.67 -10.24
N PHE A 27 -16.30 3.22 -10.97
CA PHE A 27 -16.04 1.77 -11.19
C PHE A 27 -17.08 1.12 -12.15
N ALA A 28 -17.70 1.96 -12.97
CA ALA A 28 -18.82 1.57 -13.82
C ALA A 28 -18.41 0.52 -14.88
N GLU A 29 -17.13 0.44 -15.20
CA GLU A 29 -16.69 -0.52 -16.20
C GLU A 29 -16.16 -1.80 -15.54
N VAL A 30 -16.16 -1.85 -14.20
CA VAL A 30 -15.68 -3.09 -13.57
C VAL A 30 -16.55 -4.29 -13.95
N PRO A 31 -17.89 -4.13 -13.97
CA PRO A 31 -18.73 -5.24 -14.38
C PRO A 31 -18.52 -5.65 -15.86
N ALA A 32 -18.00 -4.76 -16.70
CA ALA A 32 -17.73 -5.17 -18.09
C ALA A 32 -16.51 -6.07 -18.12
N MET A 33 -15.55 -5.76 -17.26
CA MET A 33 -14.29 -6.47 -17.34
C MET A 33 -14.40 -7.87 -16.71
N PHE A 34 -15.33 -8.03 -15.78
CA PHE A 34 -15.52 -9.34 -15.17
C PHE A 34 -16.74 -10.08 -15.68
N HIS A 35 -17.46 -9.50 -16.64
CA HIS A 35 -18.72 -10.08 -17.13
C HIS A 35 -19.75 -10.32 -16.04
N THR A 36 -20.02 -9.32 -15.20
CA THR A 36 -20.99 -9.52 -14.15
C THR A 36 -22.19 -8.62 -14.28
N TRP A 37 -22.50 -8.17 -15.51
CA TRP A 37 -23.64 -7.25 -15.73
C TRP A 37 -24.94 -7.75 -15.09
N ASP A 38 -25.14 -9.06 -15.14
CA ASP A 38 -26.26 -9.73 -14.52
C ASP A 38 -26.43 -9.53 -12.99
N ARG A 39 -25.34 -9.30 -12.27
CA ARG A 39 -25.46 -9.06 -10.83
C ARG A 39 -25.74 -7.61 -10.46
N VAL A 40 -25.75 -6.72 -11.47
CA VAL A 40 -25.87 -5.29 -11.24
C VAL A 40 -27.35 -4.86 -11.37
N VAL A 41 -27.90 -4.26 -10.32
CA VAL A 41 -29.33 -3.87 -10.30
C VAL A 41 -29.55 -2.37 -10.36
N GLY A 42 -28.49 -1.59 -10.12
CA GLY A 42 -28.50 -0.13 -10.25
C GLY A 42 -27.11 0.41 -10.51
N ILE A 43 -27.01 1.56 -11.16
CA ILE A 43 -25.70 2.18 -11.48
C ILE A 43 -25.87 3.65 -11.78
N SER A 44 -24.85 4.47 -11.50
CA SER A 44 -24.95 5.89 -11.76
C SER A 44 -25.19 6.11 -13.24
N ASP A 45 -26.10 7.01 -13.58
CA ASP A 45 -26.54 7.20 -14.93
C ASP A 45 -25.40 7.52 -15.86
N TYR A 46 -24.32 8.10 -15.34
CA TYR A 46 -23.14 8.40 -16.20
C TYR A 46 -22.64 7.14 -16.95
N ALA A 47 -22.85 5.94 -16.37
CA ALA A 47 -22.22 4.73 -16.89
C ALA A 47 -22.73 4.36 -18.29
N PHE A 48 -23.97 4.77 -18.59
CA PHE A 48 -24.67 4.42 -19.81
C PHE A 48 -23.99 5.05 -21.03
N LYS A 49 -23.23 6.11 -20.77
CA LYS A 49 -22.44 6.80 -21.81
C LYS A 49 -21.05 6.17 -22.12
N SER A 50 -20.57 5.30 -21.25
CA SER A 50 -19.30 4.64 -21.50
C SER A 50 -19.45 3.70 -22.69
N ASP A 51 -18.55 3.75 -23.67
CA ASP A 51 -18.72 2.90 -24.83
C ASP A 51 -18.43 1.42 -24.55
N ILE A 52 -17.53 1.13 -23.60
CA ILE A 52 -17.37 -0.28 -23.19
C ILE A 52 -18.60 -0.77 -22.45
N VAL A 53 -19.31 0.08 -21.71
CA VAL A 53 -20.53 -0.37 -21.05
C VAL A 53 -21.59 -0.69 -22.14
N LYS A 54 -21.75 0.27 -23.03
CA LYS A 54 -22.60 0.18 -24.19
C LYS A 54 -22.39 -1.11 -25.01
N ALA A 55 -21.15 -1.51 -25.25
CA ALA A 55 -20.84 -2.73 -26.01
C ALA A 55 -20.99 -4.07 -25.26
N THR A 56 -20.94 -4.06 -23.92
CA THR A 56 -20.95 -5.33 -23.11
C THR A 56 -22.23 -5.51 -22.30
N LEU A 57 -22.98 -4.45 -22.11
CA LEU A 57 -24.23 -4.54 -21.36
C LEU A 57 -25.41 -4.70 -22.33
N LYS A 58 -25.97 -5.89 -22.36
CA LYS A 58 -26.92 -6.30 -23.36
C LYS A 58 -28.32 -5.80 -23.13
N ASP A 59 -28.68 -5.67 -21.86
CA ASP A 59 -30.00 -5.25 -21.46
C ASP A 59 -29.90 -4.04 -20.51
N PRO A 60 -29.48 -2.86 -21.05
CA PRO A 60 -29.31 -1.70 -20.19
C PRO A 60 -30.52 -1.30 -19.34
N GLU A 61 -31.74 -1.41 -19.87
CA GLU A 61 -32.89 -0.94 -19.11
C GLU A 61 -33.34 -1.83 -17.94
N ARG A 62 -32.85 -3.06 -17.85
CA ARG A 62 -33.05 -3.83 -16.62
C ARG A 62 -32.50 -3.11 -15.38
N ILE A 63 -31.36 -2.44 -15.53
CA ILE A 63 -30.65 -1.74 -14.46
C ILE A 63 -31.20 -0.35 -14.11
N LYS A 64 -31.50 -0.12 -12.83
CA LYS A 64 -32.01 1.22 -12.42
C LYS A 64 -30.90 2.31 -12.53
N PRO A 65 -31.14 3.44 -13.24
CA PRO A 65 -30.18 4.55 -13.21
C PRO A 65 -30.19 5.29 -11.88
N MET A 66 -29.02 5.52 -11.28
CA MET A 66 -28.90 6.28 -10.02
C MET A 66 -28.30 7.68 -10.20
N SER A 67 -28.30 8.42 -9.11
CA SER A 67 -27.77 9.77 -9.09
C SER A 67 -26.51 10.08 -9.90
N SER A 68 -25.34 9.56 -9.53
CA SER A 68 -24.09 10.03 -10.18
C SER A 68 -23.37 11.25 -9.50
N ASP A 69 -24.13 12.01 -8.70
CA ASP A 69 -23.65 13.15 -7.89
C ASP A 69 -23.00 12.65 -6.59
N HIS A 70 -21.71 12.93 -6.37
CA HIS A 70 -21.08 12.60 -5.06
C HIS A 70 -21.37 13.68 -4.01
N ALA A 71 -21.99 13.34 -2.87
CA ALA A 71 -22.89 12.20 -2.68
C ALA A 71 -24.24 12.80 -2.21
N ALA A 72 -25.01 12.02 -1.45
CA ALA A 72 -26.21 12.52 -0.73
C ALA A 72 -27.55 12.54 -1.50
N ALA A 73 -27.52 12.96 -2.77
CA ALA A 73 -28.73 12.99 -3.62
C ALA A 73 -29.10 11.59 -4.13
N LEU A 74 -30.41 11.30 -4.15
CA LEU A 74 -30.99 9.99 -4.60
C LEU A 74 -30.39 8.73 -3.89
N ASN A 75 -30.65 8.66 -2.57
CA ASN A 75 -30.04 7.76 -1.58
C ASN A 75 -30.90 6.58 -1.07
N VAL A 76 -31.31 6.70 0.20
CA VAL A 76 -31.63 5.55 1.08
C VAL A 76 -32.83 4.62 0.75
N GLU A 77 -33.95 5.16 0.30
CA GLU A 77 -35.15 4.33 0.19
C GLU A 77 -35.18 3.51 -1.11
N LEU A 78 -34.60 4.11 -2.14
CA LEU A 78 -34.45 3.46 -3.43
C LEU A 78 -33.46 2.30 -3.29
N LEU A 79 -32.44 2.49 -2.45
CA LEU A 79 -31.47 1.45 -2.13
C LEU A 79 -32.17 0.23 -1.58
N LYS A 80 -33.02 0.44 -0.59
CA LYS A 80 -33.75 -0.62 0.07
C LYS A 80 -34.78 -1.28 -0.86
N LYS A 81 -35.21 -0.54 -1.87
CA LYS A 81 -36.16 -1.05 -2.87
C LYS A 81 -35.46 -2.05 -3.82
N LEU A 82 -34.21 -1.76 -4.21
CA LEU A 82 -33.45 -2.68 -5.10
C LEU A 82 -32.88 -3.92 -4.39
N SER A 83 -32.95 -3.91 -3.06
CA SER A 83 -32.42 -4.95 -2.21
C SER A 83 -31.03 -5.52 -2.60
N PRO A 84 -30.04 -4.64 -2.77
CA PRO A 84 -28.71 -5.15 -3.13
C PRO A 84 -28.06 -5.73 -1.90
N ASP A 85 -27.26 -6.79 -2.07
CA ASP A 85 -26.45 -7.26 -0.99
C ASP A 85 -25.09 -6.52 -0.92
N LEU A 86 -24.75 -5.78 -1.98
CA LEU A 86 -23.51 -5.01 -2.04
C LEU A 86 -23.71 -3.64 -2.75
N VAL A 87 -23.18 -2.57 -2.15
CA VAL A 87 -23.15 -1.28 -2.79
C VAL A 87 -21.69 -0.90 -2.95
N VAL A 88 -21.20 -0.77 -4.20
CA VAL A 88 -19.85 -0.22 -4.44
C VAL A 88 -20.02 1.30 -4.68
N THR A 89 -19.30 2.12 -3.93
CA THR A 89 -19.52 3.55 -4.02
C THR A 89 -18.24 4.33 -3.94
N PHE A 90 -18.20 5.50 -4.56
CA PHE A 90 -17.09 6.41 -4.44
C PHE A 90 -17.37 7.38 -3.26
N VAL A 91 -16.50 7.38 -2.23
CA VAL A 91 -16.71 8.23 -1.04
C VAL A 91 -16.63 9.73 -1.44
N GLY A 92 -17.77 10.37 -1.62
CA GLY A 92 -17.79 11.82 -1.85
C GLY A 92 -17.69 12.48 -0.48
N ASN A 93 -18.60 12.07 0.40
CA ASN A 93 -18.67 12.53 1.79
C ASN A 93 -18.62 11.36 2.80
N PRO A 94 -17.54 11.29 3.64
CA PRO A 94 -17.32 10.16 4.56
C PRO A 94 -18.51 9.90 5.48
N LYS A 95 -19.09 10.99 5.99
CA LYS A 95 -20.24 10.91 6.88
C LYS A 95 -21.55 10.58 6.14
N ALA A 96 -21.71 11.08 4.91
CA ALA A 96 -22.83 10.67 4.05
C ALA A 96 -22.85 9.14 3.75
N VAL A 97 -21.68 8.49 3.81
CA VAL A 97 -21.56 7.05 3.50
C VAL A 97 -21.70 6.11 4.72
N GLU A 98 -21.12 6.48 5.85
CA GLU A 98 -21.21 5.65 7.07
C GLU A 98 -22.62 5.68 7.68
N HIS A 99 -23.33 6.79 7.46
CA HIS A 99 -24.75 6.93 7.82
C HIS A 99 -25.59 5.93 7.07
N ALA A 100 -25.36 5.84 5.75
CA ALA A 100 -25.97 4.84 4.88
C ALA A 100 -25.65 3.39 5.29
N LYS A 101 -24.39 3.11 5.67
CA LYS A 101 -23.94 1.73 5.94
C LYS A 101 -24.72 1.11 7.10
N LYS A 102 -25.53 1.95 7.74
CA LYS A 102 -26.28 1.58 8.94
C LYS A 102 -27.55 0.75 8.66
N PHE A 103 -27.77 0.34 7.42
CA PHE A 103 -29.09 -0.17 7.00
C PHE A 103 -29.26 -1.67 6.68
N GLY A 104 -28.26 -2.49 6.99
CA GLY A 104 -28.37 -3.93 6.72
C GLY A 104 -27.56 -4.50 5.56
N ILE A 105 -27.17 -3.65 4.60
CA ILE A 105 -26.35 -4.13 3.47
C ILE A 105 -24.90 -3.58 3.36
N SER A 106 -24.00 -4.45 2.92
CA SER A 106 -22.56 -4.12 2.79
C SER A 106 -22.25 -3.05 1.75
N PHE A 107 -21.34 -2.15 2.16
CA PHE A 107 -20.71 -1.17 1.29
C PHE A 107 -19.22 -1.40 1.15
N LEU A 108 -18.76 -1.51 -0.08
CA LEU A 108 -17.36 -1.31 -0.42
C LEU A 108 -17.24 0.16 -0.84
N SER A 109 -16.43 0.88 -0.07
CA SER A 109 -16.27 2.31 -0.27
C SER A 109 -14.83 2.67 -0.73
N PHE A 110 -14.75 3.51 -1.77
CA PHE A 110 -13.47 3.84 -2.39
C PHE A 110 -13.26 5.34 -2.62
N GLN A 111 -12.01 5.76 -2.64
CA GLN A 111 -11.68 7.11 -2.97
C GLN A 111 -10.35 7.10 -3.71
N GLU A 112 -10.31 6.47 -4.88
CA GLU A 112 -9.05 6.21 -5.53
C GLU A 112 -8.43 7.53 -6.04
N LYS A 113 -7.11 7.65 -5.97
CA LYS A 113 -6.48 8.92 -6.29
C LYS A 113 -5.38 8.74 -7.28
N THR A 114 -4.97 7.50 -7.49
CA THR A 114 -3.95 7.23 -8.47
C THR A 114 -4.42 5.96 -9.22
N ILE A 115 -3.92 5.76 -10.43
CA ILE A 115 -4.21 4.50 -11.13
C ILE A 115 -3.80 3.23 -10.33
N ALA A 116 -2.68 3.23 -9.61
CA ALA A 116 -2.32 2.09 -8.74
C ALA A 116 -3.40 1.82 -7.70
N GLU A 117 -4.08 2.87 -7.25
CA GLU A 117 -5.18 2.69 -6.27
C GLU A 117 -6.43 2.14 -6.91
N VAL A 118 -6.70 2.58 -8.13
CA VAL A 118 -7.70 1.98 -8.99
C VAL A 118 -7.49 0.50 -9.17
N MET A 119 -6.25 0.09 -9.42
CA MET A 119 -5.95 -1.33 -9.61
C MET A 119 -6.15 -2.09 -8.33
N GLU A 120 -5.63 -1.57 -7.21
CA GLU A 120 -5.89 -2.21 -5.92
C GLU A 120 -7.39 -2.37 -5.64
N ASP A 121 -8.19 -1.34 -5.91
CA ASP A 121 -9.59 -1.39 -5.58
C ASP A 121 -10.39 -2.33 -6.51
N ILE A 122 -9.88 -2.58 -7.74
CA ILE A 122 -10.50 -3.52 -8.66
C ILE A 122 -10.27 -4.90 -8.06
N ASP A 123 -9.06 -5.12 -7.56
CA ASP A 123 -8.72 -6.38 -6.96
C ASP A 123 -9.56 -6.63 -5.74
N THR A 124 -9.90 -5.56 -4.99
CA THR A 124 -10.77 -5.71 -3.82
C THR A 124 -12.13 -6.29 -4.20
N GLN A 125 -12.75 -5.66 -5.20
CA GLN A 125 -14.04 -6.04 -5.73
C GLN A 125 -13.96 -7.45 -6.41
N ALA A 126 -12.82 -7.79 -7.04
CA ALA A 126 -12.62 -9.12 -7.62
C ALA A 126 -12.70 -10.21 -6.52
N LYS A 127 -12.18 -9.95 -5.32
CA LYS A 127 -12.35 -10.89 -4.19
C LYS A 127 -13.84 -11.12 -3.80
N ALA A 128 -14.61 -10.05 -3.68
CA ALA A 128 -16.05 -10.13 -3.40
C ALA A 128 -16.84 -10.78 -4.53
N LEU A 129 -16.41 -10.58 -5.76
CA LEU A 129 -17.13 -11.17 -6.88
C LEU A 129 -16.54 -12.53 -7.20
N GLU A 130 -15.46 -12.90 -6.52
CA GLU A 130 -14.87 -14.24 -6.64
C GLU A 130 -14.36 -14.51 -8.06
N VAL A 131 -13.73 -13.50 -8.67
CA VAL A 131 -13.03 -13.70 -9.95
C VAL A 131 -11.54 -13.50 -9.72
N ASP A 132 -10.72 -14.15 -10.54
CA ASP A 132 -9.28 -13.87 -10.58
C ASP A 132 -8.97 -12.66 -11.50
N ALA A 133 -8.51 -11.56 -10.92
CA ALA A 133 -8.24 -10.36 -11.70
C ALA A 133 -6.78 -10.31 -12.15
N SER A 134 -5.96 -11.24 -11.67
CA SER A 134 -4.50 -11.07 -11.77
C SER A 134 -3.95 -10.85 -13.18
N LYS A 135 -4.50 -11.55 -14.16
CA LYS A 135 -4.05 -11.37 -15.53
C LYS A 135 -4.47 -10.01 -16.12
N LYS A 136 -5.71 -9.60 -15.82
CA LYS A 136 -6.20 -8.30 -16.27
C LYS A 136 -5.43 -7.13 -15.64
N LEU A 137 -5.10 -7.24 -14.34
CA LEU A 137 -4.28 -6.19 -13.66
C LEU A 137 -2.86 -6.11 -14.20
N ALA A 138 -2.31 -7.24 -14.58
CA ALA A 138 -0.95 -7.31 -15.13
C ALA A 138 -0.88 -6.63 -16.49
N LYS A 139 -1.97 -6.66 -17.23
CA LYS A 139 -2.06 -6.00 -18.51
C LYS A 139 -2.15 -4.48 -18.31
N MET A 140 -2.86 -4.10 -17.24
CA MET A 140 -3.01 -2.68 -16.91
C MET A 140 -1.61 -2.09 -16.63
N GLN A 141 -0.88 -2.78 -15.78
CA GLN A 141 0.42 -2.35 -15.32
C GLN A 141 1.43 -2.35 -16.45
N GLU A 142 1.30 -3.34 -17.34
CA GLU A 142 2.15 -3.49 -18.49
C GLU A 142 2.01 -2.28 -19.38
N THR A 143 0.77 -1.82 -19.52
CA THR A 143 0.49 -0.63 -20.33
C THR A 143 1.15 0.64 -19.72
N LEU A 144 1.10 0.77 -18.40
CA LEU A 144 1.72 1.89 -17.73
C LEU A 144 3.27 1.89 -17.85
N ASP A 145 3.87 0.70 -17.72
CA ASP A 145 5.33 0.48 -17.91
C ASP A 145 5.75 0.92 -19.30
N PHE A 146 4.95 0.58 -20.30
CA PHE A 146 5.22 0.88 -21.68
C PHE A 146 5.16 2.41 -21.91
N ILE A 147 4.17 3.09 -21.35
CA ILE A 147 4.08 4.52 -21.53
C ILE A 147 5.30 5.20 -20.93
N ALA A 148 5.60 4.81 -19.70
CA ALA A 148 6.65 5.40 -18.90
C ALA A 148 8.01 5.25 -19.62
N GLU A 149 8.16 4.13 -20.30
CA GLU A 149 9.34 3.80 -21.09
C GLU A 149 9.46 4.69 -22.35
N ARG A 150 8.37 4.84 -23.07
CA ARG A 150 8.38 5.83 -24.18
C ARG A 150 8.67 7.31 -23.78
N LEU A 151 8.41 7.67 -22.53
CA LEU A 151 8.51 9.05 -22.12
C LEU A 151 9.71 9.26 -21.26
N LYS A 152 10.52 8.23 -21.07
CA LYS A 152 11.74 8.37 -20.27
C LYS A 152 12.59 9.43 -20.92
N GLY A 153 13.14 10.33 -20.07
CA GLY A 153 13.90 11.49 -20.52
C GLY A 153 13.22 12.54 -21.44
N VAL A 154 11.96 12.36 -21.82
CA VAL A 154 11.17 13.38 -22.55
C VAL A 154 10.66 14.47 -21.60
N LYS A 155 10.78 15.73 -21.99
CA LYS A 155 10.34 16.82 -21.12
C LYS A 155 8.79 16.89 -21.08
N LYS A 156 8.22 16.96 -19.88
CA LYS A 156 6.75 17.05 -19.68
C LYS A 156 6.16 18.29 -20.27
N LYS A 157 5.02 18.15 -20.92
CA LYS A 157 4.36 19.31 -21.54
C LYS A 157 3.46 20.03 -20.52
N LYS A 158 3.55 21.35 -20.49
CA LYS A 158 2.68 22.14 -19.64
C LYS A 158 1.24 22.05 -20.14
N GLY A 159 0.34 21.53 -19.31
CA GLY A 159 -1.07 21.38 -19.71
C GLY A 159 -2.07 21.44 -18.57
N VAL A 160 -3.30 21.04 -18.84
CA VAL A 160 -4.36 21.09 -17.82
C VAL A 160 -5.58 20.36 -18.34
N GLU A 161 -6.44 19.88 -17.44
CA GLU A 161 -7.78 19.41 -17.83
C GLU A 161 -8.92 20.31 -17.32
N LEU A 162 -9.98 20.39 -18.11
CA LEU A 162 -11.13 21.18 -17.76
C LEU A 162 -12.33 20.25 -17.50
N PHE A 163 -13.18 20.64 -16.56
CA PHE A 163 -14.23 19.77 -16.13
C PHE A 163 -15.61 20.38 -16.44
N HIS A 164 -16.41 20.68 -15.41
CA HIS A 164 -17.81 21.08 -15.60
C HIS A 164 -17.87 22.45 -16.26
N LYS A 165 -16.86 23.25 -16.03
CA LYS A 165 -16.71 24.50 -16.74
C LYS A 165 -15.24 24.77 -17.08
N ALA A 166 -15.05 25.83 -17.84
CA ALA A 166 -13.78 26.10 -18.47
C ALA A 166 -12.76 26.73 -17.52
N ASN A 167 -13.14 27.01 -16.28
CA ASN A 167 -12.12 27.29 -15.25
C ASN A 167 -12.10 26.35 -14.05
N LYS A 168 -12.70 25.18 -14.20
CA LYS A 168 -12.60 24.08 -13.19
C LYS A 168 -11.53 23.04 -13.61
N ILE A 169 -10.55 22.81 -12.74
CA ILE A 169 -9.37 22.02 -13.09
C ILE A 169 -9.01 21.05 -11.97
N SER A 170 -8.07 20.14 -12.21
CA SER A 170 -7.70 19.21 -11.12
C SER A 170 -6.34 19.55 -10.51
N GLY A 171 -6.14 19.22 -9.25
CA GLY A 171 -4.83 19.42 -8.58
C GLY A 171 -4.39 18.16 -7.83
N HIS A 172 -3.83 18.38 -6.65
CA HIS A 172 -3.38 17.26 -5.77
C HIS A 172 -4.59 16.37 -5.37
N GLN A 173 -4.35 15.09 -5.09
CA GLN A 173 -5.38 14.12 -4.65
C GLN A 173 -6.55 14.06 -5.61
N ALA A 174 -6.23 13.90 -6.88
CA ALA A 174 -7.25 13.77 -7.92
C ALA A 174 -6.76 12.72 -8.92
N LEU A 175 -7.55 11.67 -9.09
CA LEU A 175 -7.28 10.63 -10.08
C LEU A 175 -6.97 11.26 -11.45
N ASP A 176 -7.78 12.22 -11.91
CA ASP A 176 -7.53 12.91 -13.21
C ASP A 176 -6.08 13.42 -13.29
N SER A 177 -5.59 14.01 -12.19
CA SER A 177 -4.19 14.50 -12.11
C SER A 177 -3.11 13.41 -12.16
N ASP A 178 -3.33 12.27 -11.50
CA ASP A 178 -2.42 11.15 -11.72
C ASP A 178 -2.41 10.68 -13.19
N ILE A 179 -3.59 10.56 -13.81
CA ILE A 179 -3.69 10.13 -15.24
C ILE A 179 -2.96 11.10 -16.20
N LEU A 180 -3.06 12.42 -15.96
CA LEU A 180 -2.36 13.43 -16.76
C LEU A 180 -0.86 13.30 -16.57
N GLU A 181 -0.42 13.11 -15.33
CA GLU A 181 0.97 12.93 -15.02
C GLU A 181 1.62 11.74 -15.78
N LYS A 182 0.94 10.59 -15.78
CA LYS A 182 1.38 9.40 -16.48
C LYS A 182 1.29 9.58 -18.00
N GLY A 183 0.56 10.60 -18.45
CA GLY A 183 0.54 10.92 -19.91
C GLY A 183 1.52 11.96 -20.33
N GLY A 184 2.38 12.33 -19.38
CA GLY A 184 3.50 13.23 -19.67
C GLY A 184 3.17 14.71 -19.60
N ILE A 185 2.15 15.05 -18.82
CA ILE A 185 1.71 16.43 -18.63
C ILE A 185 2.19 16.93 -17.26
N ASP A 186 2.81 18.09 -17.31
CA ASP A 186 3.00 18.97 -16.17
C ASP A 186 1.76 19.83 -15.98
N ASN A 187 0.91 19.39 -15.07
CA ASN A 187 -0.43 19.95 -14.85
C ASN A 187 -0.35 21.13 -13.89
N PHE A 188 -0.55 22.34 -14.42
CA PHE A 188 -0.42 23.56 -13.63
C PHE A 188 -1.51 23.66 -12.60
N GLY A 189 -2.58 22.89 -12.76
CA GLY A 189 -3.61 22.68 -11.73
C GLY A 189 -3.03 22.30 -10.34
N LEU A 190 -1.93 21.56 -10.33
CA LEU A 190 -1.31 21.21 -9.05
C LEU A 190 -1.01 22.47 -8.26
N LYS A 191 -0.73 23.55 -8.97
CA LYS A 191 -0.22 24.72 -8.29
C LYS A 191 -1.32 25.62 -7.65
N TYR A 192 -2.57 25.33 -8.00
CA TYR A 192 -3.71 26.12 -7.55
C TYR A 192 -4.78 25.34 -6.80
N VAL A 193 -4.82 24.02 -6.90
CA VAL A 193 -5.90 23.20 -6.33
C VAL A 193 -5.32 22.17 -5.37
N LYS A 194 -5.69 22.28 -4.11
CA LYS A 194 -5.03 21.44 -3.13
C LYS A 194 -5.75 20.13 -2.93
N PHE A 195 -6.98 20.01 -3.43
CA PHE A 195 -7.69 18.75 -3.36
C PHE A 195 -8.67 18.63 -4.52
N GLY A 196 -8.62 17.48 -5.20
CA GLY A 196 -9.63 17.20 -6.22
C GLY A 196 -9.67 18.16 -7.38
N ARG A 197 -10.89 18.50 -7.76
CA ARG A 197 -11.21 19.45 -8.81
C ARG A 197 -11.78 20.75 -8.21
N ALA A 198 -11.28 21.92 -8.64
CA ALA A 198 -11.82 23.19 -8.18
C ALA A 198 -11.55 24.30 -9.21
N ASP A 199 -12.28 25.41 -9.12
CA ASP A 199 -12.11 26.53 -10.02
C ASP A 199 -10.89 27.34 -9.72
N ILE A 200 -10.47 28.09 -10.72
CA ILE A 200 -9.48 29.13 -10.52
C ILE A 200 -9.79 30.28 -11.46
N SER A 201 -9.22 31.43 -11.21
CA SER A 201 -9.56 32.56 -12.02
C SER A 201 -8.93 32.40 -13.41
N VAL A 202 -9.64 32.90 -14.41
CA VAL A 202 -9.23 32.83 -15.80
C VAL A 202 -7.88 33.54 -16.02
N GLU A 203 -7.69 34.67 -15.36
CA GLU A 203 -6.44 35.38 -15.35
C GLU A 203 -5.24 34.43 -15.10
N LYS A 204 -5.38 33.52 -14.14
CA LYS A 204 -4.30 32.55 -13.87
C LYS A 204 -4.04 31.54 -15.01
N ILE A 205 -5.11 31.06 -15.64
CA ILE A 205 -5.02 30.16 -16.78
C ILE A 205 -4.27 30.85 -17.94
N VAL A 206 -4.65 32.11 -18.22
CA VAL A 206 -3.95 32.89 -19.26
C VAL A 206 -2.47 33.07 -18.87
N LYS A 207 -2.18 33.39 -17.61
CA LYS A 207 -0.79 33.54 -17.18
C LYS A 207 -0.02 32.22 -17.33
N GLU A 208 -0.63 31.08 -16.93
CA GLU A 208 0.12 29.81 -17.02
C GLU A 208 0.32 29.42 -18.48
N ASN A 209 -0.56 29.89 -19.34
CA ASN A 209 -0.38 29.69 -20.75
C ASN A 209 -0.07 28.24 -21.11
N PRO A 210 -1.01 27.33 -20.86
CA PRO A 210 -0.75 25.89 -21.19
C PRO A 210 -0.50 25.66 -22.69
N GLU A 211 0.46 24.78 -22.97
CA GLU A 211 0.76 24.29 -24.30
C GLU A 211 -0.31 23.34 -24.84
N ILE A 212 -0.99 22.64 -23.93
CA ILE A 212 -2.03 21.68 -24.34
C ILE A 212 -3.16 21.67 -23.30
N ILE A 213 -4.39 21.48 -23.71
CA ILE A 213 -5.51 21.43 -22.77
C ILE A 213 -6.37 20.18 -23.07
N PHE A 214 -6.66 19.39 -22.03
CA PHE A 214 -7.62 18.28 -22.17
C PHE A 214 -8.98 18.58 -21.52
N ILE A 215 -9.99 17.86 -22.00
CA ILE A 215 -11.35 18.03 -21.54
C ILE A 215 -11.96 16.69 -21.10
N TRP A 216 -12.37 16.69 -19.83
CA TRP A 216 -13.08 15.60 -19.15
C TRP A 216 -14.23 15.10 -20.01
N TRP A 217 -14.29 13.77 -20.19
CA TRP A 217 -15.22 13.17 -21.15
C TRP A 217 -16.72 13.39 -20.85
N ILE A 218 -17.00 13.73 -19.60
CA ILE A 218 -18.36 14.09 -19.19
C ILE A 218 -18.60 15.62 -19.18
N SER A 219 -17.60 16.43 -19.49
CA SER A 219 -17.86 17.86 -19.44
C SER A 219 -18.89 18.22 -20.53
N PRO A 220 -19.73 19.26 -20.31
CA PRO A 220 -20.51 19.83 -21.40
C PRO A 220 -19.70 20.61 -22.46
N LEU A 221 -18.41 20.83 -22.25
CA LEU A 221 -17.61 21.61 -23.22
C LEU A 221 -17.19 20.75 -24.41
N SER A 222 -17.21 21.32 -25.61
CA SER A 222 -16.52 20.73 -26.75
C SER A 222 -15.18 21.47 -26.93
N PRO A 223 -14.23 20.85 -27.65
CA PRO A 223 -13.04 21.64 -27.98
C PRO A 223 -13.42 23.02 -28.60
N GLU A 224 -14.42 23.03 -29.47
CA GLU A 224 -14.85 24.30 -30.08
C GLU A 224 -15.22 25.37 -29.04
N ASP A 225 -15.97 24.97 -27.99
CA ASP A 225 -16.31 25.85 -26.84
C ASP A 225 -15.09 26.52 -26.21
N VAL A 226 -13.97 25.83 -26.16
CA VAL A 226 -12.72 26.35 -25.59
C VAL A 226 -11.93 27.19 -26.62
N LEU A 227 -11.74 26.65 -27.82
CA LEU A 227 -11.00 27.33 -28.89
C LEU A 227 -11.59 28.68 -29.24
N ASN A 228 -12.91 28.82 -29.16
CA ASN A 228 -13.53 30.10 -29.51
C ASN A 228 -13.89 30.98 -28.33
N ASN A 229 -13.45 30.59 -27.13
CA ASN A 229 -13.63 31.45 -25.97
C ASN A 229 -12.67 32.65 -26.05
N PRO A 230 -13.22 33.85 -26.23
CA PRO A 230 -12.41 35.05 -26.39
C PRO A 230 -11.43 35.25 -25.23
N LYS A 231 -11.79 34.76 -24.05
CA LYS A 231 -10.94 34.85 -22.88
C LYS A 231 -9.67 33.99 -23.01
N PHE A 232 -9.65 33.08 -23.96
CA PHE A 232 -8.49 32.18 -24.16
C PHE A 232 -7.64 32.46 -25.43
N ALA A 233 -7.82 33.61 -26.05
CA ALA A 233 -7.27 33.78 -27.42
C ALA A 233 -5.75 33.84 -27.43
N THR A 234 -5.15 34.28 -26.34
CA THR A 234 -3.69 34.41 -26.26
C THR A 234 -2.95 33.13 -25.81
N ILE A 235 -3.67 32.04 -25.53
CA ILE A 235 -3.03 30.83 -24.99
C ILE A 235 -2.46 29.95 -26.11
N LYS A 236 -1.18 29.60 -25.97
CA LYS A 236 -0.52 28.66 -26.85
C LYS A 236 -1.50 27.52 -27.31
N ALA A 237 -2.18 26.87 -26.37
CA ALA A 237 -2.96 25.68 -26.74
C ALA A 237 -4.09 26.02 -27.69
N ILE A 238 -4.61 27.24 -27.52
CA ILE A 238 -5.64 27.71 -28.43
C ILE A 238 -5.02 28.06 -29.82
N LYS A 239 -3.95 28.83 -29.84
CA LYS A 239 -3.36 29.24 -31.11
C LYS A 239 -3.04 28.02 -31.95
N ASN A 240 -2.42 27.02 -31.32
CA ASN A 240 -1.91 25.82 -31.98
C ASN A 240 -2.89 24.65 -32.06
N LYS A 241 -4.14 24.87 -31.63
CA LYS A 241 -5.27 23.88 -31.63
C LYS A 241 -5.00 22.61 -30.85
N GLN A 242 -4.25 22.72 -29.79
CA GLN A 242 -3.98 21.57 -28.94
C GLN A 242 -5.07 21.50 -27.84
N VAL A 243 -6.32 21.40 -28.26
CA VAL A 243 -7.43 21.17 -27.32
C VAL A 243 -8.11 19.87 -27.70
N TYR A 244 -8.08 18.91 -26.77
CA TYR A 244 -8.56 17.54 -27.04
C TYR A 244 -9.63 17.09 -26.02
N LYS A 245 -10.76 16.57 -26.50
CA LYS A 245 -11.70 15.93 -25.59
C LYS A 245 -11.30 14.47 -25.26
N LEU A 246 -11.35 14.11 -23.99
CA LEU A 246 -10.89 12.80 -23.56
C LEU A 246 -11.88 11.76 -24.00
N PRO A 247 -11.41 10.55 -24.34
CA PRO A 247 -12.36 9.51 -24.83
C PRO A 247 -13.39 9.15 -23.77
N THR A 248 -14.44 8.41 -24.17
CA THR A 248 -15.56 8.02 -23.33
C THR A 248 -15.18 6.83 -22.44
N MET A 249 -14.23 7.07 -21.53
CA MET A 249 -13.68 6.08 -20.64
C MET A 249 -13.72 6.58 -19.16
N ASP A 250 -14.42 5.85 -18.32
CA ASP A 250 -14.44 6.12 -16.88
C ASP A 250 -13.04 6.13 -16.27
N ILE A 251 -12.64 7.23 -15.64
CA ILE A 251 -11.29 7.33 -15.12
C ILE A 251 -11.05 6.29 -14.00
N GLY A 252 -12.08 6.01 -13.20
CA GLY A 252 -11.91 5.06 -12.09
C GLY A 252 -12.22 3.65 -12.51
N GLY A 253 -11.28 3.03 -13.19
CA GLY A 253 -11.54 1.71 -13.70
C GLY A 253 -10.50 1.26 -14.69
N PRO A 254 -10.80 0.11 -15.34
CA PRO A 254 -9.88 -0.70 -16.07
C PRO A 254 -9.27 -0.02 -17.29
N ARG A 255 -9.83 1.12 -17.73
CA ARG A 255 -9.26 1.80 -18.92
C ARG A 255 -8.47 3.03 -18.60
N ALA A 256 -8.24 3.30 -17.33
CA ALA A 256 -7.44 4.45 -16.92
C ALA A 256 -6.05 4.50 -17.61
N PRO A 257 -5.33 3.36 -17.72
CA PRO A 257 -4.08 3.39 -18.53
C PRO A 257 -4.21 3.79 -20.01
N LEU A 258 -5.39 3.61 -20.63
CA LEU A 258 -5.49 3.99 -22.01
C LEU A 258 -5.71 5.48 -22.12
N ILE A 259 -6.22 6.08 -21.04
CA ILE A 259 -6.50 7.51 -21.04
C ILE A 259 -5.16 8.21 -20.97
N SER A 260 -4.25 7.71 -20.13
CA SER A 260 -2.87 8.19 -20.10
C SER A 260 -2.14 8.00 -21.41
N LEU A 261 -2.33 6.83 -22.05
CA LEU A 261 -1.78 6.57 -23.38
C LEU A 261 -2.33 7.58 -24.35
N PHE A 262 -3.64 7.79 -24.34
CA PHE A 262 -4.25 8.76 -25.21
C PHE A 262 -3.65 10.18 -25.05
N ILE A 263 -3.54 10.64 -23.81
CA ILE A 263 -2.92 11.93 -23.46
C ILE A 263 -1.44 11.97 -23.91
N ALA A 264 -0.67 10.91 -23.60
CA ALA A 264 0.75 10.78 -24.07
C ALA A 264 0.90 10.89 -25.59
N LEU A 265 -0.02 10.28 -26.32
CA LEU A 265 -0.04 10.32 -27.75
C LEU A 265 -0.31 11.72 -28.32
N LYS A 266 -1.27 12.43 -27.72
CA LYS A 266 -1.57 13.80 -28.19
C LYS A 266 -0.47 14.79 -27.81
N ALA A 267 0.13 14.61 -26.65
CA ALA A 267 1.18 15.51 -26.11
C ALA A 267 2.60 15.24 -26.62
N HIS A 268 2.90 13.95 -26.83
CA HIS A 268 4.27 13.55 -27.20
C HIS A 268 4.24 12.60 -28.40
N PRO A 269 3.66 13.07 -29.54
CA PRO A 269 3.60 12.24 -30.76
C PRO A 269 4.95 11.67 -31.18
N GLU A 270 6.03 12.44 -31.02
CA GLU A 270 7.35 11.95 -31.47
C GLU A 270 7.85 10.76 -30.67
N ALA A 271 7.41 10.64 -29.42
CA ALA A 271 7.76 9.49 -28.60
C ALA A 271 7.12 8.18 -29.06
N PHE A 272 6.16 8.22 -29.95
CA PHE A 272 5.45 7.00 -30.30
C PHE A 272 5.47 6.68 -31.79
N LYS A 273 6.42 7.26 -32.53
CA LYS A 273 6.32 7.16 -33.97
C LYS A 273 6.64 5.78 -34.55
N GLY A 274 7.56 5.05 -33.91
CA GLY A 274 7.81 3.65 -34.32
C GLY A 274 7.01 2.62 -33.54
N VAL A 275 5.78 2.99 -33.18
CA VAL A 275 4.94 2.15 -32.32
C VAL A 275 3.60 1.85 -32.97
N ASP A 276 3.24 0.57 -32.94
CA ASP A 276 1.94 0.16 -33.43
C ASP A 276 0.88 0.33 -32.32
N ILE A 277 0.27 1.50 -32.32
CA ILE A 277 -0.71 1.88 -31.30
C ILE A 277 -1.87 0.90 -31.33
N ASN A 278 -2.39 0.67 -32.53
CA ASN A 278 -3.55 -0.19 -32.66
C ASN A 278 -3.37 -1.65 -32.25
N ALA A 279 -2.16 -2.18 -32.38
CA ALA A 279 -1.85 -3.50 -31.85
C ALA A 279 -1.97 -3.48 -30.30
N ILE A 280 -1.46 -2.42 -29.67
CA ILE A 280 -1.52 -2.26 -28.20
C ILE A 280 -2.94 -2.08 -27.72
N VAL A 281 -3.72 -1.26 -28.40
CA VAL A 281 -5.10 -1.02 -28.01
C VAL A 281 -5.89 -2.33 -28.16
N LYS A 282 -5.66 -3.01 -29.28
CA LYS A 282 -6.33 -4.24 -29.56
C LYS A 282 -6.05 -5.28 -28.52
N ASP A 283 -4.78 -5.50 -28.15
CA ASP A 283 -4.51 -6.50 -27.12
C ASP A 283 -5.01 -6.09 -25.72
N TYR A 284 -5.08 -4.80 -25.47
CA TYR A 284 -5.60 -4.32 -24.20
C TYR A 284 -7.07 -4.75 -24.03
N TYR A 285 -7.90 -4.45 -25.03
CA TYR A 285 -9.32 -4.79 -25.00
C TYR A 285 -9.60 -6.30 -24.99
N LYS A 286 -8.81 -7.05 -25.77
CA LYS A 286 -8.85 -8.53 -25.73
C LYS A 286 -8.52 -9.16 -24.41
N VAL A 287 -7.44 -8.72 -23.77
CA VAL A 287 -7.09 -9.29 -22.46
C VAL A 287 -8.03 -8.75 -21.35
N VAL A 288 -8.27 -7.42 -21.30
CA VAL A 288 -8.96 -6.84 -20.14
C VAL A 288 -10.47 -7.17 -20.18
N PHE A 289 -11.06 -7.15 -21.35
CA PHE A 289 -12.52 -7.32 -21.50
C PHE A 289 -12.97 -8.59 -22.29
N ASP A 290 -12.01 -9.42 -22.72
CA ASP A 290 -12.29 -10.61 -23.58
C ASP A 290 -13.18 -10.36 -24.83
N LEU A 291 -12.95 -9.26 -25.54
CA LEU A 291 -13.64 -9.02 -26.80
C LEU A 291 -12.97 -9.86 -27.88
N ASN A 292 -13.75 -10.32 -28.84
CA ASN A 292 -13.13 -10.88 -30.06
C ASN A 292 -12.88 -9.81 -31.10
N ASP A 293 -12.37 -10.25 -32.25
CA ASP A 293 -11.85 -9.30 -33.26
C ASP A 293 -12.89 -8.36 -33.83
N ALA A 294 -14.11 -8.86 -34.04
CA ALA A 294 -15.20 -8.02 -34.51
C ALA A 294 -15.54 -6.93 -33.47
N GLU A 295 -15.53 -7.31 -32.19
CA GLU A 295 -15.92 -6.42 -31.09
C GLU A 295 -14.91 -5.33 -30.82
N VAL A 296 -13.60 -5.60 -30.97
CA VAL A 296 -12.53 -4.60 -30.77
C VAL A 296 -12.50 -3.42 -31.78
N GLU A 297 -12.83 -3.67 -33.04
CA GLU A 297 -12.66 -2.66 -34.12
C GLU A 297 -13.20 -1.25 -33.82
N PRO A 298 -14.43 -1.14 -33.25
CA PRO A 298 -14.91 0.20 -32.93
C PRO A 298 -14.15 0.85 -31.78
N PHE A 299 -13.39 0.05 -31.03
CA PHE A 299 -12.50 0.59 -30.00
C PHE A 299 -11.10 0.94 -30.49
N LEU A 300 -10.80 0.67 -31.76
CA LEU A 300 -9.48 1.01 -32.27
C LEU A 300 -9.43 2.50 -32.50
N TRP A 301 -8.24 3.08 -32.37
CA TRP A 301 -8.09 4.55 -32.51
C TRP A 301 -7.89 5.02 -33.96
N GLU B 2 27.24 16.37 2.98
CA GLU B 2 27.37 14.93 3.39
C GLU B 2 27.48 14.58 4.90
N VAL B 3 27.08 13.33 5.25
CA VAL B 3 27.39 12.70 6.56
C VAL B 3 28.19 11.42 6.50
N LYS B 4 29.13 11.31 7.43
CA LYS B 4 29.88 10.10 7.66
C LYS B 4 29.23 9.39 8.84
N VAL B 5 28.67 8.22 8.53
CA VAL B 5 28.13 7.31 9.51
C VAL B 5 28.84 5.97 9.34
N LYS B 6 28.54 5.04 10.22
CA LYS B 6 29.24 3.75 10.28
C LYS B 6 28.22 2.61 10.34
N ASP B 7 28.51 1.48 9.66
CA ASP B 7 27.60 0.32 9.63
C ASP B 7 28.30 -1.04 9.72
N TYR B 8 27.64 -2.09 9.26
CA TYR B 8 28.27 -3.41 9.11
C TYR B 8 29.65 -3.42 8.45
N PHE B 9 29.81 -2.67 7.35
CA PHE B 9 31.01 -2.75 6.49
C PHE B 9 32.14 -1.75 6.80
N GLY B 10 31.85 -0.65 7.47
CA GLY B 10 32.89 0.31 7.79
C GLY B 10 32.25 1.67 7.85
N GLU B 11 33.02 2.71 7.51
CA GLU B 11 32.50 4.08 7.43
C GLU B 11 31.87 4.38 6.06
N GLN B 12 30.72 5.00 6.06
CA GLN B 12 30.04 5.31 4.78
C GLN B 12 29.91 6.81 4.73
N THR B 13 29.98 7.40 3.56
CA THR B 13 29.63 8.83 3.50
C THR B 13 28.33 8.97 2.70
N ILE B 14 27.37 9.66 3.28
CA ILE B 14 26.08 9.73 2.63
C ILE B 14 25.90 11.14 2.11
N LYS B 15 25.67 11.28 0.82
CA LYS B 15 25.47 12.61 0.23
C LYS B 15 24.10 13.09 0.67
N LEU B 16 24.02 14.36 1.04
CA LEU B 16 22.85 14.96 1.63
C LEU B 16 22.30 16.06 0.71
N PRO B 17 20.96 16.20 0.67
CA PRO B 17 20.01 15.35 1.41
C PRO B 17 19.62 14.12 0.62
N VAL B 18 18.99 13.15 1.32
CA VAL B 18 18.52 11.91 0.73
C VAL B 18 17.10 12.08 0.18
N SER B 19 16.82 11.60 -1.01
CA SER B 19 15.47 11.79 -1.60
C SER B 19 14.68 10.49 -1.73
N LYS B 20 15.35 9.41 -2.15
CA LYS B 20 14.69 8.14 -2.42
C LYS B 20 15.38 6.98 -1.70
N ILE B 21 14.61 6.24 -0.89
CA ILE B 21 15.22 5.15 -0.15
C ILE B 21 14.48 3.83 -0.36
N ILE B 22 15.23 2.73 -0.40
CA ILE B 22 14.63 1.41 -0.39
C ILE B 22 14.95 0.67 0.93
N TYR B 23 13.96 0.03 1.57
CA TYR B 23 14.22 -0.83 2.72
C TYR B 23 14.17 -2.33 2.38
N LEU B 24 15.32 -3.01 2.46
CA LEU B 24 15.36 -4.45 2.30
C LEU B 24 15.58 -5.24 3.59
N GLY B 25 14.65 -6.12 3.92
CA GLY B 25 14.94 -7.15 4.93
C GLY B 25 14.75 -6.76 6.41
N SER B 26 14.81 -5.46 6.71
CA SER B 26 14.56 -5.04 8.09
C SER B 26 14.21 -3.58 8.14
N PHE B 27 13.91 -3.11 9.36
CA PHE B 27 13.70 -1.68 9.65
C PHE B 27 12.45 -1.06 8.96
N ALA B 28 11.52 -1.91 8.53
CA ALA B 28 10.29 -1.49 7.87
C ALA B 28 9.50 -0.43 8.63
N GLU B 29 9.63 -0.43 9.96
CA GLU B 29 8.88 0.52 10.75
C GLU B 29 9.59 1.84 11.03
N VAL B 30 10.81 2.02 10.51
CA VAL B 30 11.62 3.22 10.78
C VAL B 30 11.03 4.46 10.06
N PRO B 31 10.51 4.30 8.83
CA PRO B 31 9.83 5.44 8.19
C PRO B 31 8.51 5.88 8.90
N ALA B 32 7.89 4.97 9.62
CA ALA B 32 6.69 5.31 10.35
C ALA B 32 7.07 6.17 11.53
N MET B 33 8.19 5.82 12.14
CA MET B 33 8.74 6.51 13.32
C MET B 33 9.20 7.91 12.97
N PHE B 34 9.79 8.09 11.78
CA PHE B 34 10.33 9.44 11.45
C PHE B 34 9.45 10.24 10.47
N HIS B 35 8.31 9.67 10.10
CA HIS B 35 7.40 10.29 9.12
C HIS B 35 8.08 10.47 7.79
N THR B 36 8.69 9.40 7.28
CA THR B 36 9.39 9.59 6.00
C THR B 36 8.90 8.69 4.90
N TRP B 37 7.66 8.20 5.01
CA TRP B 37 7.10 7.32 4.00
C TRP B 37 7.24 7.87 2.60
N ASP B 38 7.15 9.20 2.44
CA ASP B 38 7.24 9.81 1.08
C ASP B 38 8.61 9.66 0.41
N ARG B 39 9.66 9.43 1.17
CA ARG B 39 10.95 9.19 0.54
C ARG B 39 11.25 7.70 0.25
N VAL B 40 10.34 6.80 0.60
CA VAL B 40 10.51 5.37 0.37
C VAL B 40 9.86 5.02 -0.98
N VAL B 41 10.65 4.44 -1.88
CA VAL B 41 10.16 4.06 -3.19
C VAL B 41 10.05 2.53 -3.30
N GLY B 42 10.70 1.82 -2.37
CA GLY B 42 10.67 0.35 -2.38
C GLY B 42 10.86 -0.25 -0.99
N ILE B 43 10.15 -1.34 -0.72
CA ILE B 43 10.20 -1.93 0.63
C ILE B 43 9.91 -3.40 0.59
N SER B 44 10.54 -4.16 1.49
CA SER B 44 10.36 -5.62 1.50
C SER B 44 8.89 -5.95 1.73
N ASP B 45 8.33 -6.88 0.95
CA ASP B 45 6.89 -7.15 1.03
C ASP B 45 6.30 -7.48 2.40
N TYR B 46 7.11 -8.03 3.32
CA TYR B 46 6.61 -8.32 4.68
C TYR B 46 6.08 -7.05 5.39
N ALA B 47 6.60 -5.87 5.01
CA ALA B 47 6.31 -4.63 5.75
C ALA B 47 4.83 -4.27 5.74
N PHE B 48 4.16 -4.64 4.67
CA PHE B 48 2.78 -4.25 4.45
C PHE B 48 1.87 -4.98 5.44
N LYS B 49 2.38 -6.04 6.10
CA LYS B 49 1.63 -6.76 7.16
C LYS B 49 1.75 -6.14 8.58
N SER B 50 2.71 -5.24 8.80
CA SER B 50 2.88 -4.60 10.11
C SER B 50 1.73 -3.61 10.33
N ASP B 51 1.14 -3.64 11.50
CA ASP B 51 0.00 -2.79 11.72
C ASP B 51 0.37 -1.32 11.88
N ILE B 52 1.58 -1.01 12.30
CA ILE B 52 1.99 0.38 12.31
C ILE B 52 2.30 0.87 10.90
N VAL B 53 2.82 0.01 10.06
CA VAL B 53 2.96 0.38 8.66
C VAL B 53 1.58 0.66 8.07
N LYS B 54 0.65 -0.27 8.26
CA LYS B 54 -0.70 -0.10 7.74
C LYS B 54 -1.38 1.18 8.23
N ALA B 55 -1.06 1.61 9.44
CA ALA B 55 -1.69 2.76 10.06
C ALA B 55 -1.11 4.10 9.65
N THR B 56 0.16 4.09 9.22
CA THR B 56 0.91 5.33 8.96
C THR B 56 1.26 5.54 7.49
N LEU B 57 1.17 4.47 6.69
CA LEU B 57 1.50 4.58 5.25
C LEU B 57 0.20 4.85 4.50
N LYS B 58 -0.03 6.11 4.17
CA LYS B 58 -1.28 6.55 3.54
C LYS B 58 -1.55 5.99 2.11
N ASP B 59 -0.48 5.74 1.34
CA ASP B 59 -0.58 5.37 -0.05
C ASP B 59 0.31 4.17 -0.34
N PRO B 60 -0.07 2.95 0.12
CA PRO B 60 0.92 1.86 0.02
C PRO B 60 1.31 1.52 -1.43
N GLU B 61 0.36 1.74 -2.33
CA GLU B 61 0.47 1.27 -3.68
C GLU B 61 1.57 1.98 -4.48
N ARG B 62 1.90 3.21 -4.12
CA ARG B 62 3.07 3.83 -4.75
C ARG B 62 4.41 3.18 -4.45
N ILE B 63 4.52 2.48 -3.30
CA ILE B 63 5.77 1.83 -2.95
C ILE B 63 5.95 0.45 -3.63
N LYS B 64 7.07 0.22 -4.32
CA LYS B 64 7.30 -1.09 -4.92
C LYS B 64 7.61 -2.17 -3.86
N PRO B 65 6.78 -3.25 -3.80
CA PRO B 65 7.12 -4.38 -2.94
C PRO B 65 8.34 -5.14 -3.48
N MET B 66 9.34 -5.38 -2.61
CA MET B 66 10.52 -6.22 -2.97
C MET B 66 10.48 -7.56 -2.25
N SER B 67 11.47 -8.39 -2.54
CA SER B 67 11.62 -9.78 -2.06
C SER B 67 11.20 -10.22 -0.62
N SER B 68 11.88 -9.69 0.41
CA SER B 68 11.86 -10.20 1.82
C SER B 68 12.89 -11.29 2.13
N ASP B 69 13.39 -11.97 1.09
CA ASP B 69 14.46 -12.99 1.21
C ASP B 69 15.81 -12.37 1.58
N HIS B 70 16.50 -12.92 2.56
CA HIS B 70 17.93 -12.57 2.80
C HIS B 70 18.85 -13.65 2.24
N ALA B 71 19.56 -13.42 1.14
CA ALA B 71 19.38 -12.32 0.21
C ALA B 71 19.54 -12.83 -1.26
N ALA B 72 19.88 -11.90 -2.15
CA ALA B 72 20.19 -12.19 -3.57
C ALA B 72 19.04 -11.92 -4.52
N ALA B 73 17.83 -12.42 -4.20
CA ALA B 73 16.69 -12.43 -5.14
C ALA B 73 15.88 -11.11 -5.29
N LEU B 74 15.39 -10.87 -6.52
CA LEU B 74 14.60 -9.67 -6.96
C LEU B 74 15.36 -8.31 -7.09
N ASN B 75 16.65 -8.29 -6.72
CA ASN B 75 17.39 -7.03 -6.51
C ASN B 75 18.14 -6.22 -7.60
N VAL B 76 19.07 -6.88 -8.27
CA VAL B 76 20.01 -6.29 -9.24
C VAL B 76 19.45 -5.15 -10.12
N GLU B 77 18.47 -5.47 -10.98
CA GLU B 77 17.98 -4.55 -12.00
C GLU B 77 16.83 -3.69 -11.54
N LEU B 78 16.07 -4.21 -10.58
CA LEU B 78 14.93 -3.51 -10.02
C LEU B 78 15.43 -2.29 -9.25
N LEU B 79 16.43 -2.54 -8.39
CA LEU B 79 17.10 -1.48 -7.62
C LEU B 79 17.49 -0.34 -8.53
N LYS B 80 18.05 -0.69 -9.67
CA LYS B 80 18.59 0.30 -10.56
C LYS B 80 17.46 1.05 -11.23
N LYS B 81 16.37 0.34 -11.49
CA LYS B 81 15.25 0.95 -12.19
C LYS B 81 14.61 2.00 -11.32
N LEU B 82 14.54 1.71 -10.01
CA LEU B 82 13.91 2.63 -9.04
C LEU B 82 14.76 3.85 -8.70
N SER B 83 16.06 3.77 -8.98
CA SER B 83 17.05 4.82 -8.70
C SER B 83 16.98 5.49 -7.33
N PRO B 84 17.06 4.68 -6.27
CA PRO B 84 17.14 5.24 -4.92
C PRO B 84 18.49 5.91 -4.75
N ASP B 85 18.61 6.90 -3.86
CA ASP B 85 19.94 7.34 -3.53
C ASP B 85 20.53 6.53 -2.37
N LEU B 86 19.67 5.78 -1.65
CA LEU B 86 20.01 5.03 -0.47
C LEU B 86 19.22 3.70 -0.35
N VAL B 87 19.95 2.63 -0.09
CA VAL B 87 19.37 1.35 0.20
C VAL B 87 19.77 1.01 1.63
N VAL B 88 18.74 0.81 2.49
CA VAL B 88 18.92 0.32 3.84
C VAL B 88 18.62 -1.19 3.76
N THR B 89 19.59 -2.02 4.14
CA THR B 89 19.40 -3.44 4.08
C THR B 89 19.91 -4.21 5.30
N PHE B 90 19.32 -5.39 5.49
CA PHE B 90 19.79 -6.35 6.46
C PHE B 90 20.75 -7.30 5.73
N VAL B 91 21.96 -7.46 6.27
CA VAL B 91 22.94 -8.27 5.56
C VAL B 91 22.76 -9.74 5.87
N GLY B 92 22.28 -10.48 4.89
CA GLY B 92 22.08 -11.92 5.11
C GLY B 92 23.34 -12.55 4.60
N ASN B 93 23.80 -12.01 3.48
CA ASN B 93 24.91 -12.51 2.72
C ASN B 93 25.91 -11.37 2.54
N PRO B 94 26.98 -11.34 3.38
CA PRO B 94 27.98 -10.27 3.18
C PRO B 94 28.32 -10.07 1.69
N LYS B 95 28.76 -11.17 1.05
CA LYS B 95 29.20 -11.17 -0.36
C LYS B 95 28.11 -10.71 -1.34
N ALA B 96 26.92 -11.31 -1.26
CA ALA B 96 25.81 -10.90 -2.11
C ALA B 96 25.52 -9.42 -1.93
N VAL B 97 25.74 -8.90 -0.72
CA VAL B 97 25.51 -7.48 -0.48
C VAL B 97 26.62 -6.58 -1.04
N GLU B 98 27.88 -6.85 -0.70
CA GLU B 98 29.01 -6.03 -1.19
C GLU B 98 29.13 -6.08 -2.72
N HIS B 99 28.64 -7.19 -3.28
CA HIS B 99 28.53 -7.40 -4.72
C HIS B 99 27.60 -6.35 -5.32
N ALA B 100 26.42 -6.21 -4.72
CA ALA B 100 25.45 -5.21 -5.16
C ALA B 100 25.98 -3.79 -4.98
N LYS B 101 26.76 -3.56 -3.90
CA LYS B 101 27.21 -2.21 -3.46
C LYS B 101 27.91 -1.42 -4.55
N LYS B 102 28.50 -2.16 -5.49
CA LYS B 102 29.41 -1.62 -6.47
C LYS B 102 28.70 -0.82 -7.57
N PHE B 103 27.37 -0.92 -7.64
CA PHE B 103 26.65 -0.43 -8.81
C PHE B 103 26.28 1.06 -8.78
N GLY B 104 26.87 1.82 -7.85
CA GLY B 104 26.69 3.29 -7.81
C GLY B 104 25.94 3.90 -6.63
N ILE B 105 24.98 3.14 -6.06
CA ILE B 105 24.07 3.66 -5.01
C ILE B 105 24.50 3.27 -3.58
N SER B 106 24.47 4.24 -2.64
CA SER B 106 24.82 3.96 -1.22
C SER B 106 23.95 2.89 -0.54
N PHE B 107 24.63 1.99 0.17
CA PHE B 107 24.03 1.08 1.12
C PHE B 107 24.37 1.45 2.56
N LEU B 108 23.36 1.39 3.41
CA LEU B 108 23.57 1.32 4.82
C LEU B 108 23.20 -0.14 5.11
N SER B 109 24.18 -0.91 5.56
CA SER B 109 23.98 -2.33 5.74
C SER B 109 23.95 -2.67 7.24
N PHE B 110 22.97 -3.49 7.64
CA PHE B 110 22.89 -3.79 9.07
C PHE B 110 22.72 -5.26 9.36
N GLN B 111 23.21 -5.67 10.53
CA GLN B 111 22.92 -7.01 10.95
C GLN B 111 22.75 -6.98 12.46
N GLU B 112 21.64 -6.39 12.87
CA GLU B 112 21.36 -6.14 14.28
C GLU B 112 21.05 -7.47 15.01
N LYS B 113 21.67 -7.67 16.17
CA LYS B 113 21.54 -8.91 16.91
C LYS B 113 20.93 -8.66 18.28
N THR B 114 20.88 -7.40 18.74
CA THR B 114 20.31 -7.15 20.07
C THR B 114 19.46 -5.86 19.97
N ILE B 115 18.49 -5.67 20.84
CA ILE B 115 17.73 -4.41 20.78
C ILE B 115 18.64 -3.18 20.88
N ALA B 116 19.69 -3.21 21.72
CA ALA B 116 20.70 -2.10 21.74
C ALA B 116 21.30 -1.89 20.37
N GLU B 117 21.48 -2.97 19.62
CA GLU B 117 22.01 -2.79 18.23
C GLU B 117 20.97 -2.13 17.36
N VAL B 118 19.72 -2.53 17.50
CA VAL B 118 18.63 -1.94 16.76
C VAL B 118 18.56 -0.44 17.00
N MET B 119 18.71 0.00 18.26
CA MET B 119 18.67 1.42 18.60
C MET B 119 19.84 2.19 18.05
N GLU B 120 21.05 1.64 18.17
CA GLU B 120 22.19 2.29 17.50
C GLU B 120 21.93 2.45 16.00
N ASP B 121 21.46 1.40 15.35
CA ASP B 121 21.33 1.40 13.89
C ASP B 121 20.16 2.33 13.45
N ILE B 122 19.10 2.44 14.26
CA ILE B 122 18.05 3.38 14.00
C ILE B 122 18.68 4.79 14.03
N ASP B 123 19.53 5.05 15.00
CA ASP B 123 20.18 6.36 15.12
C ASP B 123 21.05 6.77 13.95
N THR B 124 21.61 5.78 13.25
CA THR B 124 22.50 5.98 12.06
C THR B 124 21.64 6.46 10.88
N GLN B 125 20.47 5.82 10.75
CA GLN B 125 19.46 6.15 9.75
C GLN B 125 18.90 7.57 9.99
N ALA B 126 18.81 7.97 11.26
CA ALA B 126 18.35 9.29 11.61
C ALA B 126 19.36 10.34 11.19
N LYS B 127 20.66 10.06 11.32
CA LYS B 127 21.66 10.96 10.78
C LYS B 127 21.55 11.13 9.26
N ALA B 128 21.32 10.03 8.54
CA ALA B 128 21.14 10.11 7.09
C ALA B 128 19.83 10.81 6.66
N LEU B 129 18.74 10.53 7.35
CA LEU B 129 17.47 11.21 7.08
C LEU B 129 17.35 12.55 7.84
N GLU B 130 18.44 12.95 8.49
CA GLU B 130 18.54 14.27 9.09
C GLU B 130 17.39 14.59 10.04
N VAL B 131 16.98 13.60 10.85
CA VAL B 131 15.99 13.78 11.90
C VAL B 131 16.64 13.50 13.28
N ASP B 132 16.11 14.12 14.34
CA ASP B 132 16.55 13.84 15.72
C ASP B 132 15.73 12.66 16.26
N ALA B 133 16.42 11.62 16.66
CA ALA B 133 15.76 10.43 17.16
C ALA B 133 15.96 10.29 18.68
N SER B 134 16.54 11.31 19.31
CA SER B 134 16.98 11.17 20.69
C SER B 134 15.85 10.95 21.69
N LYS B 135 14.72 11.62 21.49
CA LYS B 135 13.55 11.41 22.38
C LYS B 135 12.94 10.03 22.17
N LYS B 136 12.79 9.63 20.90
CA LYS B 136 12.19 8.32 20.59
C LYS B 136 13.08 7.17 21.12
N LEU B 137 14.39 7.33 20.99
CA LEU B 137 15.30 6.32 21.44
C LEU B 137 15.34 6.17 22.97
N ALA B 138 15.03 7.25 23.69
CA ALA B 138 14.98 7.23 25.17
C ALA B 138 13.72 6.52 25.61
N LYS B 139 12.65 6.73 24.84
CA LYS B 139 11.41 6.03 25.11
C LYS B 139 11.58 4.51 24.98
N MET B 140 12.32 4.07 23.98
CA MET B 140 12.69 2.66 23.85
C MET B 140 13.45 2.14 25.07
N GLN B 141 14.44 2.90 25.51
CA GLN B 141 15.31 2.53 26.63
C GLN B 141 14.58 2.47 27.94
N GLU B 142 13.73 3.46 28.20
CA GLU B 142 12.89 3.51 29.38
C GLU B 142 11.98 2.27 29.48
N THR B 143 11.47 1.81 28.35
CA THR B 143 10.63 0.63 28.31
C THR B 143 11.40 -0.64 28.66
N LEU B 144 12.62 -0.74 28.16
CA LEU B 144 13.47 -1.87 28.50
C LEU B 144 13.84 -1.85 29.98
N ASP B 145 14.21 -0.67 30.50
CA ASP B 145 14.43 -0.47 31.95
C ASP B 145 13.25 -0.92 32.75
N PHE B 146 12.05 -0.52 32.35
CA PHE B 146 10.87 -0.89 33.09
C PHE B 146 10.78 -2.39 33.23
N ILE B 147 10.96 -3.11 32.11
CA ILE B 147 10.71 -4.54 32.07
C ILE B 147 11.71 -5.25 32.95
N ALA B 148 12.96 -4.82 32.84
CA ALA B 148 14.06 -5.44 33.54
C ALA B 148 13.81 -5.21 35.05
N GLU B 149 13.34 -4.03 35.40
CA GLU B 149 13.02 -3.75 36.80
C GLU B 149 11.89 -4.69 37.28
N ARG B 150 10.81 -4.79 36.54
CA ARG B 150 9.77 -5.76 36.90
C ARG B 150 10.23 -7.21 37.10
N LEU B 151 11.17 -7.66 36.28
CA LEU B 151 11.60 -9.04 36.32
C LEU B 151 12.81 -9.32 37.20
N LYS B 152 13.27 -8.30 37.92
CA LYS B 152 14.43 -8.45 38.80
C LYS B 152 14.18 -9.56 39.82
N GLY B 153 15.15 -10.47 39.94
CA GLY B 153 14.98 -11.67 40.80
C GLY B 153 13.89 -12.67 40.45
N VAL B 154 13.19 -12.48 39.33
CA VAL B 154 12.23 -13.49 38.82
C VAL B 154 12.98 -14.65 38.11
N LYS B 155 12.59 -15.89 38.36
CA LYS B 155 13.22 -17.01 37.65
C LYS B 155 12.72 -16.99 36.21
N LYS B 156 13.66 -17.10 35.27
CA LYS B 156 13.35 -17.14 33.84
C LYS B 156 12.58 -18.41 33.58
N LYS B 157 11.63 -18.31 32.67
CA LYS B 157 10.83 -19.44 32.21
C LYS B 157 11.46 -20.13 31.00
N LYS B 158 11.53 -21.46 31.01
CA LYS B 158 12.03 -22.21 29.88
C LYS B 158 11.06 -22.14 28.69
N GLY B 159 11.53 -21.61 27.57
CA GLY B 159 10.70 -21.43 26.41
C GLY B 159 11.53 -21.41 25.15
N VAL B 160 10.90 -21.04 24.04
CA VAL B 160 11.52 -21.13 22.71
C VAL B 160 10.59 -20.42 21.77
N GLU B 161 11.06 -20.09 20.57
CA GLU B 161 10.24 -19.50 19.54
C GLU B 161 10.30 -20.30 18.24
N LEU B 162 9.19 -20.43 17.54
CA LEU B 162 9.24 -21.18 16.27
C LEU B 162 9.03 -20.27 15.06
N PHE B 163 9.62 -20.66 13.96
CA PHE B 163 9.74 -19.77 12.86
C PHE B 163 8.95 -20.35 11.72
N HIS B 164 9.62 -20.56 10.60
CA HIS B 164 9.00 -20.90 9.36
C HIS B 164 8.47 -22.33 9.43
N LYS B 165 9.08 -23.15 10.27
CA LYS B 165 8.49 -24.42 10.59
C LYS B 165 8.66 -24.77 12.07
N ALA B 166 7.94 -25.79 12.50
CA ALA B 166 7.72 -26.02 13.91
C ALA B 166 8.95 -26.61 14.64
N ASN B 167 9.99 -27.00 13.89
CA ASN B 167 11.30 -27.30 14.50
C ASN B 167 12.44 -26.32 14.17
N LYS B 168 12.11 -25.12 13.73
CA LYS B 168 13.13 -24.09 13.48
C LYS B 168 13.06 -23.06 14.64
N ILE B 169 14.19 -22.77 15.25
CA ILE B 169 14.27 -21.99 16.48
C ILE B 169 15.45 -20.99 16.43
N SER B 170 15.61 -20.15 17.44
CA SER B 170 16.67 -19.20 17.42
C SER B 170 17.71 -19.45 18.54
N GLY B 171 18.93 -19.01 18.25
CA GLY B 171 20.04 -19.38 19.10
C GLY B 171 20.90 -18.15 19.31
N HIS B 172 22.20 -18.35 19.24
CA HIS B 172 23.09 -17.27 19.47
C HIS B 172 23.03 -16.32 18.27
N GLN B 173 23.37 -15.07 18.47
CA GLN B 173 23.52 -14.09 17.36
C GLN B 173 22.26 -14.03 16.52
N ALA B 174 21.17 -13.77 17.21
CA ALA B 174 19.84 -13.63 16.62
C ALA B 174 19.04 -12.62 17.45
N LEU B 175 18.54 -11.63 16.75
CA LEU B 175 17.71 -10.62 17.41
C LEU B 175 16.53 -11.21 18.17
N ASP B 176 15.90 -12.25 17.60
CA ASP B 176 14.75 -12.90 18.23
C ASP B 176 15.15 -13.41 19.65
N SER B 177 16.39 -13.91 19.82
CA SER B 177 16.85 -14.53 21.09
C SER B 177 17.10 -13.48 22.17
N ASP B 178 17.65 -12.36 21.75
CA ASP B 178 17.76 -11.20 22.65
C ASP B 178 16.41 -10.72 23.12
N ILE B 179 15.44 -10.65 22.22
CA ILE B 179 14.08 -10.21 22.58
C ILE B 179 13.42 -11.19 23.55
N LEU B 180 13.59 -12.49 23.32
CA LEU B 180 13.13 -13.51 24.26
C LEU B 180 13.72 -13.32 25.67
N GLU B 181 15.04 -13.17 25.72
CA GLU B 181 15.81 -13.07 26.94
C GLU B 181 15.32 -11.85 27.76
N LYS B 182 15.16 -10.72 27.10
CA LYS B 182 14.66 -9.48 27.70
C LYS B 182 13.20 -9.60 28.13
N GLY B 183 12.43 -10.51 27.52
CA GLY B 183 11.17 -10.95 28.13
C GLY B 183 11.18 -12.06 29.19
N GLY B 184 12.35 -12.43 29.69
CA GLY B 184 12.39 -13.36 30.82
C GLY B 184 12.27 -14.81 30.41
N ILE B 185 12.61 -15.11 29.15
CA ILE B 185 12.66 -16.49 28.71
C ILE B 185 14.11 -17.00 28.74
N ASP B 186 14.24 -18.22 29.24
CA ASP B 186 15.38 -19.10 29.11
C ASP B 186 15.16 -19.91 27.83
N ASN B 187 15.64 -19.38 26.71
CA ASN B 187 15.40 -19.94 25.40
C ASN B 187 16.33 -21.14 25.16
N PHE B 188 15.80 -22.36 25.20
CA PHE B 188 16.67 -23.51 25.04
C PHE B 188 17.31 -23.64 23.64
N GLY B 189 16.91 -22.82 22.68
CA GLY B 189 17.52 -22.84 21.32
C GLY B 189 19.00 -22.44 21.36
N LEU B 190 19.38 -21.67 22.36
CA LEU B 190 20.79 -21.31 22.53
C LEU B 190 21.66 -22.55 22.65
N LYS B 191 21.07 -23.65 23.11
CA LYS B 191 21.83 -24.88 23.30
C LYS B 191 22.16 -25.55 21.98
N TYR B 192 21.36 -25.27 20.99
CA TYR B 192 21.32 -26.04 19.75
C TYR B 192 21.74 -25.25 18.52
N VAL B 193 21.50 -23.94 18.52
CA VAL B 193 21.73 -23.08 17.34
C VAL B 193 22.88 -22.07 17.60
N LYS B 194 23.90 -22.19 16.76
CA LYS B 194 25.18 -21.52 16.87
C LYS B 194 24.96 -20.14 16.39
N PHE B 195 24.00 -19.98 15.50
CA PHE B 195 23.86 -18.69 14.80
C PHE B 195 22.49 -18.55 14.16
N GLY B 196 21.86 -17.41 14.39
CA GLY B 196 20.62 -17.07 13.75
C GLY B 196 19.50 -17.99 14.13
N ARG B 197 18.73 -18.41 13.11
CA ARG B 197 17.65 -19.37 13.27
C ARG B 197 18.05 -20.65 12.54
N ALA B 198 17.77 -21.81 13.12
CA ALA B 198 17.98 -23.06 12.44
C ALA B 198 17.16 -24.19 13.10
N ASP B 199 17.13 -25.34 12.45
CA ASP B 199 16.37 -26.53 12.85
C ASP B 199 17.02 -27.36 13.94
N ILE B 200 16.19 -28.07 14.67
CA ILE B 200 16.69 -29.20 15.45
C ILE B 200 15.65 -30.30 15.42
N SER B 201 16.03 -31.47 15.86
CA SER B 201 15.14 -32.61 15.83
C SER B 201 13.99 -32.42 16.86
N VAL B 202 12.81 -32.94 16.55
CA VAL B 202 11.65 -32.87 17.42
C VAL B 202 11.87 -33.51 18.80
N GLU B 203 12.54 -34.67 18.79
CA GLU B 203 13.00 -35.36 19.97
C GLU B 203 13.80 -34.44 20.92
N LYS B 204 14.56 -33.49 20.39
CA LYS B 204 15.20 -32.50 21.27
C LYS B 204 14.17 -31.57 21.90
N ILE B 205 13.27 -31.04 21.08
CA ILE B 205 12.24 -30.15 21.58
C ILE B 205 11.44 -30.83 22.70
N VAL B 206 11.05 -32.07 22.46
CA VAL B 206 10.38 -32.87 23.48
C VAL B 206 11.19 -33.06 24.74
N LYS B 207 12.44 -33.43 24.59
CA LYS B 207 13.27 -33.62 25.77
C LYS B 207 13.35 -32.33 26.58
N GLU B 208 13.53 -31.18 25.92
CA GLU B 208 13.73 -29.90 26.65
C GLU B 208 12.45 -29.47 27.34
N ASN B 209 11.32 -29.89 26.80
CA ASN B 209 10.02 -29.70 27.47
C ASN B 209 9.84 -28.25 27.98
N PRO B 210 9.69 -27.31 27.05
CA PRO B 210 9.45 -25.89 27.34
C PRO B 210 8.14 -25.65 28.06
N GLU B 211 8.17 -24.73 29.01
CA GLU B 211 6.98 -24.32 29.75
C GLU B 211 6.09 -23.39 28.90
N ILE B 212 6.69 -22.68 27.95
CA ILE B 212 5.99 -21.63 27.17
C ILE B 212 6.58 -21.61 25.74
N ILE B 213 5.74 -21.44 24.71
CA ILE B 213 6.27 -21.41 23.33
C ILE B 213 5.75 -20.18 22.63
N PHE B 214 6.60 -19.40 21.96
CA PHE B 214 6.16 -18.25 21.15
C PHE B 214 6.30 -18.57 19.68
N ILE B 215 5.54 -17.85 18.86
CA ILE B 215 5.52 -18.06 17.42
C ILE B 215 5.70 -16.72 16.69
N TRP B 216 6.67 -16.75 15.79
CA TRP B 216 7.15 -15.57 15.02
C TRP B 216 5.96 -15.06 14.23
N TRP B 217 5.74 -13.74 14.25
CA TRP B 217 4.52 -13.17 13.66
C TRP B 217 4.39 -13.39 12.15
N ILE B 218 5.51 -13.64 11.47
CA ILE B 218 5.56 -13.93 10.06
C ILE B 218 5.39 -15.47 9.76
N SER B 219 5.30 -16.28 10.80
CA SER B 219 5.21 -17.73 10.61
C SER B 219 3.90 -18.14 9.94
N PRO B 220 3.92 -19.17 9.10
CA PRO B 220 2.63 -19.75 8.64
C PRO B 220 1.92 -20.56 9.72
N LEU B 221 2.53 -20.76 10.88
CA LEU B 221 1.93 -21.55 11.92
C LEU B 221 1.05 -20.69 12.79
N SER B 222 -0.13 -21.23 13.12
CA SER B 222 -0.98 -20.72 14.21
C SER B 222 -0.65 -21.49 15.53
N PRO B 223 -1.10 -20.94 16.70
CA PRO B 223 -1.00 -21.70 17.94
C PRO B 223 -1.68 -23.07 17.85
N GLU B 224 -2.82 -23.13 17.16
CA GLU B 224 -3.60 -24.36 17.00
C GLU B 224 -2.77 -25.43 16.32
N ASP B 225 -2.06 -25.03 15.26
CA ASP B 225 -1.14 -25.92 14.52
C ASP B 225 -0.09 -26.59 15.40
N VAL B 226 0.25 -25.90 16.47
CA VAL B 226 1.24 -26.38 17.43
C VAL B 226 0.57 -27.19 18.56
N LEU B 227 -0.51 -26.68 19.12
CA LEU B 227 -1.24 -27.44 20.20
C LEU B 227 -1.69 -28.83 19.74
N ASN B 228 -2.16 -28.89 18.50
CA ASN B 228 -2.69 -30.13 17.93
C ASN B 228 -1.68 -31.09 17.30
N ASN B 229 -0.40 -30.71 17.23
CA ASN B 229 0.61 -31.57 16.62
C ASN B 229 0.89 -32.77 17.54
N PRO B 230 0.61 -33.98 17.05
CA PRO B 230 0.66 -34.99 18.10
C PRO B 230 2.08 -35.28 18.54
N LYS B 231 3.06 -34.81 17.75
CA LYS B 231 4.50 -34.85 18.14
C LYS B 231 4.82 -34.04 19.42
N PHE B 232 4.00 -33.04 19.76
CA PHE B 232 4.21 -32.15 20.96
C PHE B 232 3.30 -32.44 22.15
N ALA B 233 2.51 -33.49 22.03
CA ALA B 233 1.44 -33.82 22.99
C ALA B 233 1.95 -33.89 24.44
N THR B 234 3.20 -34.28 24.61
CA THR B 234 3.69 -34.49 25.95
C THR B 234 4.38 -33.25 26.56
N ILE B 235 4.30 -32.10 25.89
CA ILE B 235 5.09 -30.92 26.28
C ILE B 235 4.27 -29.99 27.15
N LYS B 236 4.83 -29.61 28.31
CA LYS B 236 4.18 -28.70 29.26
C LYS B 236 3.48 -27.54 28.56
N ALA B 237 4.16 -26.85 27.63
CA ALA B 237 3.54 -25.74 26.89
C ALA B 237 2.22 -26.11 26.18
N ILE B 238 2.17 -27.31 25.60
CA ILE B 238 0.96 -27.80 24.93
C ILE B 238 -0.11 -28.21 25.96
N LYS B 239 0.33 -28.83 27.03
CA LYS B 239 -0.58 -29.34 28.04
C LYS B 239 -1.24 -28.17 28.72
N ASN B 240 -0.44 -27.14 29.03
CA ASN B 240 -0.92 -25.92 29.71
C ASN B 240 -1.44 -24.83 28.77
N LYS B 241 -1.49 -25.11 27.47
CA LYS B 241 -1.92 -24.14 26.49
C LYS B 241 -1.14 -22.83 26.59
N GLN B 242 0.17 -22.94 26.77
CA GLN B 242 1.02 -21.75 26.80
C GLN B 242 1.69 -21.59 25.43
N VAL B 243 0.87 -21.37 24.41
CA VAL B 243 1.37 -21.16 23.05
C VAL B 243 0.72 -19.90 22.45
N TYR B 244 1.58 -18.96 22.09
CA TYR B 244 1.23 -17.59 21.78
C TYR B 244 1.86 -17.11 20.47
N LYS B 245 1.09 -16.50 19.59
CA LYS B 245 1.64 -15.88 18.43
C LYS B 245 2.08 -14.48 18.81
N LEU B 246 3.29 -14.09 18.41
CA LEU B 246 3.80 -12.79 18.76
C LEU B 246 3.04 -11.82 17.89
N PRO B 247 2.87 -10.57 18.37
CA PRO B 247 2.09 -9.52 17.65
C PRO B 247 2.74 -9.13 16.35
N THR B 248 2.00 -8.41 15.51
CA THR B 248 2.45 -8.07 14.14
C THR B 248 3.43 -6.91 14.16
N MET B 249 4.60 -7.16 14.75
CA MET B 249 5.59 -6.10 14.94
C MET B 249 6.93 -6.58 14.42
N ASP B 250 7.50 -5.80 13.50
CA ASP B 250 8.91 -5.95 13.02
C ASP B 250 9.89 -5.93 14.19
N ILE B 251 10.70 -6.97 14.30
CA ILE B 251 11.65 -7.13 15.41
C ILE B 251 12.85 -6.20 15.24
N GLY B 252 13.28 -5.97 14.02
CA GLY B 252 14.37 -5.02 13.79
C GLY B 252 13.82 -3.60 13.63
N GLY B 253 13.38 -3.01 14.73
CA GLY B 253 13.06 -1.59 14.70
C GLY B 253 12.41 -1.16 16.00
N PRO B 254 11.68 -0.03 15.97
CA PRO B 254 11.24 0.72 17.10
C PRO B 254 10.27 0.01 18.06
N ARG B 255 9.62 -1.09 17.64
CA ARG B 255 8.73 -1.77 18.58
C ARG B 255 9.33 -3.04 19.20
N ALA B 256 10.62 -3.31 18.98
CA ALA B 256 11.23 -4.46 19.67
C ALA B 256 11.04 -4.49 21.21
N PRO B 257 11.19 -3.35 21.94
CA PRO B 257 10.86 -3.31 23.38
C PRO B 257 9.44 -3.76 23.71
N LEU B 258 8.50 -3.64 22.79
CA LEU B 258 7.10 -4.01 23.11
C LEU B 258 6.86 -5.49 22.97
N ILE B 259 7.67 -6.12 22.11
CA ILE B 259 7.63 -7.55 21.90
C ILE B 259 8.13 -8.23 23.18
N SER B 260 9.21 -7.75 23.76
CA SER B 260 9.68 -8.37 25.03
C SER B 260 8.69 -8.12 26.16
N LEU B 261 7.94 -7.01 26.11
CA LEU B 261 6.97 -6.68 27.16
C LEU B 261 5.84 -7.65 26.99
N PHE B 262 5.46 -7.88 25.72
CA PHE B 262 4.44 -8.86 25.39
C PHE B 262 4.82 -10.22 25.95
N ILE B 263 6.05 -10.62 25.70
CA ILE B 263 6.55 -11.94 26.13
C ILE B 263 6.66 -12.00 27.68
N ALA B 264 7.09 -10.90 28.30
CA ALA B 264 7.12 -10.82 29.77
C ALA B 264 5.70 -10.94 30.32
N LEU B 265 4.75 -10.25 29.71
CA LEU B 265 3.37 -10.33 30.16
C LEU B 265 2.88 -11.74 30.18
N LYS B 266 3.05 -12.47 29.07
CA LYS B 266 2.59 -13.86 28.94
C LYS B 266 3.31 -14.82 29.84
N ALA B 267 4.64 -14.67 29.97
CA ALA B 267 5.46 -15.59 30.82
C ALA B 267 5.41 -15.26 32.29
N HIS B 268 5.38 -13.97 32.62
CA HIS B 268 5.57 -13.56 34.01
C HIS B 268 4.44 -12.64 34.49
N PRO B 269 3.15 -13.03 34.27
CA PRO B 269 2.06 -12.15 34.65
C PRO B 269 2.10 -11.65 36.11
N GLU B 270 2.55 -12.49 37.06
CA GLU B 270 2.59 -12.07 38.47
C GLU B 270 3.58 -10.93 38.68
N ALA B 271 4.44 -10.71 37.71
CA ALA B 271 5.48 -9.69 37.85
C ALA B 271 4.95 -8.31 37.46
N PHE B 272 3.78 -8.29 36.85
CA PHE B 272 3.12 -7.03 36.46
C PHE B 272 1.78 -6.87 37.18
N LYS B 273 1.69 -7.40 38.40
CA LYS B 273 0.47 -7.31 39.18
C LYS B 273 -0.02 -5.87 39.38
N GLY B 274 0.85 -4.95 39.74
CA GLY B 274 0.28 -3.60 40.01
C GLY B 274 0.12 -2.69 38.81
N VAL B 275 0.18 -3.23 37.61
CA VAL B 275 0.59 -2.38 36.49
C VAL B 275 -0.47 -2.04 35.46
N ASP B 276 -0.59 -0.75 35.16
CA ASP B 276 -1.44 -0.26 34.08
C ASP B 276 -0.79 -0.47 32.71
N ILE B 277 -0.97 -1.66 32.14
CA ILE B 277 -0.32 -2.05 30.88
C ILE B 277 -0.67 -1.04 29.78
N ASN B 278 -1.95 -0.69 29.66
CA ASN B 278 -2.37 0.22 28.61
C ASN B 278 -1.88 1.68 28.71
N ALA B 279 -1.59 2.19 29.89
CA ALA B 279 -0.92 3.50 29.96
C ALA B 279 0.53 3.50 29.40
N ILE B 280 1.28 2.45 29.69
CA ILE B 280 2.65 2.32 29.17
C ILE B 280 2.59 2.21 27.64
N VAL B 281 1.75 1.31 27.14
CA VAL B 281 1.60 1.08 25.70
C VAL B 281 1.21 2.36 24.98
N LYS B 282 0.24 3.09 25.55
CA LYS B 282 -0.27 4.30 24.90
C LYS B 282 0.78 5.41 24.85
N ASP B 283 1.49 5.65 25.96
CA ASP B 283 2.57 6.66 25.89
C ASP B 283 3.69 6.25 24.94
N TYR B 284 3.89 4.94 24.75
CA TYR B 284 4.94 4.46 23.83
C TYR B 284 4.60 4.82 22.37
N TYR B 285 3.41 4.49 21.92
CA TYR B 285 3.00 4.88 20.59
C TYR B 285 2.92 6.39 20.39
N LYS B 286 2.37 7.16 21.35
CA LYS B 286 2.34 8.63 21.22
C LYS B 286 3.75 9.23 21.06
N VAL B 287 4.68 8.81 21.90
CA VAL B 287 6.02 9.35 21.85
C VAL B 287 6.78 8.81 20.59
N VAL B 288 6.79 7.48 20.40
CA VAL B 288 7.64 6.87 19.36
C VAL B 288 7.06 7.12 17.97
N PHE B 289 5.73 7.11 17.85
CA PHE B 289 5.12 7.29 16.53
C PHE B 289 4.30 8.56 16.34
N ASP B 290 4.19 9.40 17.38
CA ASP B 290 3.34 10.61 17.37
C ASP B 290 1.86 10.36 17.00
N LEU B 291 1.30 9.27 17.48
CA LEU B 291 -0.10 9.01 17.26
C LEU B 291 -0.96 9.79 18.26
N ASN B 292 -2.26 9.81 18.03
CA ASN B 292 -3.18 10.41 18.99
C ASN B 292 -4.20 9.38 19.48
N ASP B 293 -5.13 9.81 20.35
CA ASP B 293 -5.96 8.88 21.11
C ASP B 293 -6.81 7.99 20.22
N ALA B 294 -7.32 8.53 19.12
CA ALA B 294 -8.14 7.71 18.21
C ALA B 294 -7.24 6.74 17.44
N GLU B 295 -6.08 7.25 17.07
CA GLU B 295 -5.08 6.52 16.29
C GLU B 295 -4.41 5.38 17.08
N VAL B 296 -4.07 5.65 18.35
CA VAL B 296 -3.48 4.71 19.32
C VAL B 296 -4.38 3.52 19.64
N GLU B 297 -5.66 3.81 19.83
CA GLU B 297 -6.60 2.80 20.31
C GLU B 297 -6.47 1.39 19.71
N PRO B 298 -6.47 1.27 18.36
CA PRO B 298 -6.38 -0.04 17.73
C PRO B 298 -5.13 -0.84 18.17
N PHE B 299 -4.18 -0.14 18.77
CA PHE B 299 -2.90 -0.73 19.17
C PHE B 299 -2.86 -1.09 20.66
N LEU B 300 -3.88 -0.75 21.43
CA LEU B 300 -3.89 -1.09 22.86
C LEU B 300 -4.15 -2.59 23.01
N TRP B 301 -3.72 -3.20 24.13
CA TRP B 301 -3.86 -4.63 24.28
C TRP B 301 -5.11 -5.01 25.08
NI NI C . -16.76 11.85 -10.10
NI NI D . -2.19 -5.56 -4.01
NI NI E . -32.17 -1.39 -26.97
C ACT F . -8.62 4.13 -1.13
O ACT F . -7.78 3.47 -0.47
OXT ACT F . -9.61 3.51 -1.67
CH3 ACT F . -8.35 5.62 -1.19
C ACT G . -32.83 -3.96 -28.04
O ACT G . -31.71 -3.41 -28.39
OXT ACT G . -33.67 -3.21 -27.47
CH3 ACT G . -33.17 -5.42 -28.21
C ACT H . -29.72 0.18 -26.95
O ACT H . -29.80 -1.00 -27.42
OXT ACT H . -30.76 0.68 -26.39
CH3 ACT H . -28.43 0.95 -27.01
C ACT I . -1.35 -6.94 -1.84
O ACT I . -0.79 -7.14 -2.96
OXT ACT I . -2.18 -5.99 -1.78
CH3 ACT I . -1.07 -7.80 -0.64
NI NI J . 14.39 -11.77 8.53
NI NI K . 24.81 5.74 20.31
NI NI L . -6.28 1.65 -0.23
C ACT M . 12.37 -10.77 10.26
O ACT M . 12.97 -11.85 10.28
OXT ACT M . 12.64 -9.90 9.35
CH3 ACT M . 11.36 -10.63 11.34
C ACT N . 21.94 5.41 21.23
O ACT N . 22.78 5.34 22.15
OXT ACT N . 22.19 6.26 20.31
CH3 ACT N . 20.74 4.49 21.23
C ACT O . 27.63 6.46 20.30
O ACT O . 27.13 7.06 21.29
OXT ACT O . 26.89 6.33 19.30
CH3 ACT O . 29.02 5.92 20.32
C ACT P . -5.51 -0.07 1.89
O ACT P . -5.88 1.12 2.07
OXT ACT P . -5.37 -0.46 0.66
CH3 ACT P . -5.28 -0.96 3.11
#